data_3FBK
#
_entry.id   3FBK
#
_cell.length_a   44.661
_cell.length_b   77.171
_cell.length_c   44.681
_cell.angle_alpha   90.00
_cell.angle_beta   115.07
_cell.angle_gamma   90.00
#
_symmetry.space_group_name_H-M   'P 1 21 1'
#
loop_
_entity.id
_entity.type
_entity.pdbx_description
1 polymer 'Regulator of G-protein signaling 3'
2 non-polymer 'SULFATE ION'
3 water water
#
_entity_poly.entity_id   1
_entity_poly.type   'polypeptide(L)'
_entity_poly.pdbx_seq_one_letter_code
;(MSE)GHHHHHHSHKVQGAGQLRLSIDAQDRVLLLHIIEGKGLISKQPGTCDPYVKISLIPEDSRLRHQKTQTVPDCRDP
AFHEHFFFPVQEEDDQKRLLVTVWNRASQSRQSGLIGC(MSE)SFGVKSLLTPDKEISGWYYLLGEHLGRTKHLKVARRR
L
;
_entity_poly.pdbx_strand_id   A,B
#
loop_
_chem_comp.id
_chem_comp.type
_chem_comp.name
_chem_comp.formula
SO4 non-polymer 'SULFATE ION' 'O4 S -2'
#
# COMPACT_ATOMS: atom_id res chain seq x y z
N GLN A 13 -10.89 -12.08 6.70
CA GLN A 13 -10.80 -13.49 6.20
C GLN A 13 -9.35 -13.99 6.12
N GLY A 14 -9.22 -15.31 5.97
CA GLY A 14 -7.90 -15.93 5.88
C GLY A 14 -7.68 -16.52 4.50
N ALA A 15 -6.67 -16.02 3.80
CA ALA A 15 -6.37 -16.49 2.46
C ALA A 15 -5.30 -17.58 2.43
N GLY A 16 -5.07 -18.22 3.57
CA GLY A 16 -4.06 -19.27 3.61
C GLY A 16 -3.02 -18.99 4.68
N GLN A 17 -2.00 -19.85 4.78
CA GLN A 17 -0.97 -19.67 5.78
C GLN A 17 0.43 -19.66 5.16
N LEU A 18 1.32 -18.89 5.77
CA LEU A 18 2.70 -18.77 5.31
C LEU A 18 3.65 -19.07 6.47
N ARG A 19 4.67 -19.86 6.20
CA ARG A 19 5.65 -20.22 7.22
C ARG A 19 6.89 -19.38 6.98
N LEU A 20 7.28 -18.60 7.97
CA LEU A 20 8.46 -17.76 7.81
C LEU A 20 9.21 -17.54 9.10
N SER A 21 10.37 -16.92 8.96
CA SER A 21 11.23 -16.61 10.08
C SER A 21 11.83 -15.23 9.86
N ILE A 22 11.91 -14.44 10.92
CA ILE A 22 12.49 -13.11 10.86
C ILE A 22 13.38 -12.90 12.07
N ASP A 23 14.62 -12.49 11.81
CA ASP A 23 15.61 -12.24 12.86
C ASP A 23 16.33 -10.95 12.50
N ALA A 24 16.73 -10.18 13.51
CA ALA A 24 17.43 -8.93 13.27
C ALA A 24 18.90 -9.06 13.69
N GLN A 25 19.79 -8.55 12.85
CA GLN A 25 21.22 -8.61 13.14
C GLN A 25 21.85 -7.27 12.80
N ASP A 26 22.06 -6.42 13.81
CA ASP A 26 22.65 -5.10 13.60
C ASP A 26 21.94 -4.31 12.50
N ARG A 27 20.67 -4.00 12.73
CA ARG A 27 19.85 -3.25 11.78
C ARG A 27 19.76 -3.87 10.39
N VAL A 28 19.84 -5.19 10.35
CA VAL A 28 19.71 -5.92 9.10
C VAL A 28 18.71 -7.05 9.35
N LEU A 29 17.56 -6.98 8.67
CA LEU A 29 16.53 -8.00 8.85
C LEU A 29 16.80 -9.23 7.99
N LEU A 30 16.81 -10.39 8.62
CA LEU A 30 17.02 -11.64 7.93
C LEU A 30 15.69 -12.39 7.87
N LEU A 31 15.10 -12.43 6.69
CA LEU A 31 13.82 -13.11 6.51
C LEU A 31 14.00 -14.44 5.80
N HIS A 32 13.28 -15.43 6.27
CA HIS A 32 13.34 -16.75 5.66
C HIS A 32 11.91 -17.12 5.26
N ILE A 33 11.57 -16.99 3.98
CA ILE A 33 10.23 -17.37 3.54
C ILE A 33 10.34 -18.85 3.16
N ILE A 34 9.77 -19.69 4.01
CA ILE A 34 9.83 -21.13 3.85
C ILE A 34 8.82 -21.74 2.86
N GLU A 35 7.54 -21.71 3.22
CA GLU A 35 6.49 -22.28 2.38
C GLU A 35 5.13 -21.66 2.68
N GLY A 36 4.17 -21.94 1.80
CA GLY A 36 2.82 -21.45 1.96
C GLY A 36 1.90 -22.67 2.00
N LYS A 37 0.69 -22.48 2.49
CA LYS A 37 -0.27 -23.58 2.58
C LYS A 37 -1.70 -23.08 2.43
N GLY A 38 -2.51 -23.89 1.75
CA GLY A 38 -3.91 -23.57 1.55
C GLY A 38 -4.24 -22.21 0.95
N LEU A 39 -3.40 -21.75 0.02
CA LEU A 39 -3.62 -20.45 -0.60
C LEU A 39 -4.96 -20.35 -1.32
N ILE A 40 -5.65 -19.24 -1.09
CA ILE A 40 -6.94 -18.99 -1.71
C ILE A 40 -6.86 -17.76 -2.60
N SER A 41 -7.09 -17.93 -3.90
CA SER A 41 -7.05 -16.82 -4.84
C SER A 41 -8.43 -16.69 -5.46
N LYS A 42 -9.06 -15.53 -5.29
CA LYS A 42 -10.40 -15.33 -5.84
C LYS A 42 -10.39 -15.21 -7.36
N GLN A 43 -9.21 -15.09 -7.95
CA GLN A 43 -9.11 -14.99 -9.41
C GLN A 43 -9.28 -16.36 -10.00
N PRO A 44 -10.03 -16.46 -11.11
CA PRO A 44 -10.26 -17.75 -11.77
C PRO A 44 -9.03 -18.23 -12.52
N GLY A 45 -8.60 -19.45 -12.25
CA GLY A 45 -7.43 -19.96 -12.95
C GLY A 45 -6.40 -20.57 -12.02
N THR A 46 -5.21 -20.82 -12.53
CA THR A 46 -4.16 -21.42 -11.72
C THR A 46 -3.68 -20.48 -10.61
N CYS A 47 -3.11 -21.06 -9.56
CA CYS A 47 -2.56 -20.27 -8.46
C CYS A 47 -1.05 -20.32 -8.64
N ASP A 48 -0.47 -19.17 -8.96
CA ASP A 48 0.97 -19.04 -9.20
C ASP A 48 1.46 -17.93 -8.29
N PRO A 49 1.73 -18.27 -7.03
CA PRO A 49 2.19 -17.32 -6.03
C PRO A 49 3.66 -17.00 -5.93
N TYR A 50 3.92 -15.80 -5.41
CA TYR A 50 5.25 -15.32 -5.13
C TYR A 50 5.04 -14.39 -3.94
N VAL A 51 6.10 -14.16 -3.17
CA VAL A 51 6.02 -13.34 -1.99
C VAL A 51 6.83 -12.08 -2.18
N LYS A 52 6.26 -10.92 -1.83
CA LYS A 52 6.96 -9.66 -1.98
C LYS A 52 7.12 -9.02 -0.60
N ILE A 53 8.33 -8.58 -0.29
CA ILE A 53 8.61 -7.96 0.99
C ILE A 53 8.92 -6.48 0.78
N SER A 54 8.39 -5.63 1.64
CA SER A 54 8.63 -4.19 1.53
C SER A 54 8.33 -3.52 2.85
N LEU A 55 8.54 -2.22 2.90
CA LEU A 55 8.24 -1.47 4.11
C LEU A 55 7.14 -0.48 3.76
N ILE A 56 6.27 -0.20 4.73
CA ILE A 56 5.19 0.76 4.53
C ILE A 56 5.00 1.65 5.75
N PRO A 57 4.65 2.93 5.55
CA PRO A 57 4.44 3.51 4.21
C PRO A 57 5.77 3.99 3.63
N GLU A 58 5.92 3.88 2.32
CA GLU A 58 7.15 4.30 1.67
C GLU A 58 6.90 4.51 0.19
N ASP A 59 7.17 5.71 -0.29
CA ASP A 59 6.96 6.02 -1.70
C ASP A 59 8.18 5.66 -2.52
N SER A 60 8.47 4.36 -2.62
CA SER A 60 9.61 3.87 -3.39
C SER A 60 9.60 2.36 -3.39
N ARG A 61 10.05 1.76 -4.49
CA ARG A 61 10.09 0.30 -4.58
C ARG A 61 11.52 -0.24 -4.65
N LEU A 62 12.49 0.66 -4.57
CA LEU A 62 13.88 0.27 -4.64
C LEU A 62 14.24 -0.79 -3.59
N ARG A 63 13.58 -0.74 -2.44
CA ARG A 63 13.87 -1.69 -1.37
C ARG A 63 13.05 -2.98 -1.43
N HIS A 64 12.09 -3.03 -2.35
CA HIS A 64 11.26 -4.23 -2.48
C HIS A 64 12.03 -5.47 -2.91
N GLN A 65 11.66 -6.63 -2.37
CA GLN A 65 12.29 -7.90 -2.71
C GLN A 65 11.22 -8.98 -2.86
N LYS A 66 11.45 -9.95 -3.73
CA LYS A 66 10.48 -11.01 -3.92
C LYS A 66 11.11 -12.37 -4.10
N THR A 67 10.28 -13.39 -3.96
CA THR A 67 10.72 -14.77 -4.12
C THR A 67 10.43 -15.15 -5.57
N GLN A 68 10.74 -16.39 -5.90
CA GLN A 68 10.46 -16.93 -7.22
C GLN A 68 8.95 -17.12 -7.23
N THR A 69 8.38 -17.32 -8.42
CA THR A 69 6.95 -17.57 -8.54
C THR A 69 6.83 -19.08 -8.73
N VAL A 70 6.08 -19.72 -7.84
CA VAL A 70 5.86 -21.17 -7.89
C VAL A 70 4.60 -21.42 -8.73
N PRO A 71 4.77 -21.94 -9.94
CA PRO A 71 3.62 -22.19 -10.82
C PRO A 71 2.63 -23.29 -10.43
N ASP A 72 1.35 -22.95 -10.54
CA ASP A 72 0.24 -23.86 -10.27
C ASP A 72 0.38 -24.68 -8.98
N CYS A 73 0.43 -23.98 -7.84
CA CYS A 73 0.58 -24.64 -6.55
C CYS A 73 -0.07 -23.83 -5.42
N ARG A 74 -0.97 -24.47 -4.67
CA ARG A 74 -1.65 -23.80 -3.56
C ARG A 74 -0.90 -23.98 -2.25
N ASP A 75 0.19 -24.74 -2.28
CA ASP A 75 1.02 -24.94 -1.09
C ASP A 75 2.47 -24.87 -1.53
N PRO A 76 2.89 -23.72 -2.04
CA PRO A 76 4.25 -23.47 -2.54
C PRO A 76 5.40 -23.54 -1.53
N ALA A 77 6.51 -24.11 -1.99
CA ALA A 77 7.73 -24.23 -1.20
C ALA A 77 8.70 -23.21 -1.78
N PHE A 78 8.96 -22.14 -1.03
CA PHE A 78 9.86 -21.08 -1.48
C PHE A 78 11.30 -21.31 -1.03
N HIS A 79 11.48 -21.57 0.27
CA HIS A 79 12.81 -21.81 0.81
C HIS A 79 13.80 -20.76 0.36
N GLU A 80 13.44 -19.49 0.55
CA GLU A 80 14.31 -18.38 0.15
C GLU A 80 14.63 -17.46 1.33
N HIS A 81 15.88 -17.00 1.38
CA HIS A 81 16.36 -16.11 2.44
C HIS A 81 16.52 -14.69 1.89
N PHE A 82 16.18 -13.70 2.71
CA PHE A 82 16.28 -12.31 2.31
C PHE A 82 17.01 -11.49 3.38
N PHE A 83 17.66 -10.41 2.94
CA PHE A 83 18.38 -9.53 3.84
C PHE A 83 17.86 -8.14 3.54
N PHE A 84 17.07 -7.63 4.48
CA PHE A 84 16.45 -6.33 4.32
C PHE A 84 17.02 -5.36 5.34
N PRO A 85 18.00 -4.54 4.91
CA PRO A 85 18.60 -3.57 5.84
C PRO A 85 17.65 -2.43 6.17
N VAL A 86 17.60 -2.07 7.44
CA VAL A 86 16.75 -0.97 7.89
C VAL A 86 17.58 0.03 8.69
N GLN A 87 17.09 1.26 8.77
CA GLN A 87 17.79 2.30 9.50
C GLN A 87 16.86 2.94 10.53
N GLU A 88 17.43 3.74 11.42
CA GLU A 88 16.69 4.43 12.46
C GLU A 88 15.41 5.08 11.94
N GLU A 89 15.50 5.71 10.77
CA GLU A 89 14.36 6.38 10.17
C GLU A 89 13.25 5.44 9.73
N ASP A 90 13.48 4.14 9.81
CA ASP A 90 12.49 3.14 9.41
C ASP A 90 11.73 2.56 10.60
N ASP A 91 12.15 2.90 11.81
CA ASP A 91 11.53 2.37 13.03
C ASP A 91 10.01 2.44 13.10
N GLN A 92 9.44 3.53 12.60
CA GLN A 92 7.99 3.68 12.65
C GLN A 92 7.25 3.05 11.46
N LYS A 93 7.98 2.39 10.56
CA LYS A 93 7.33 1.76 9.42
C LYS A 93 7.01 0.31 9.78
N ARG A 94 6.31 -0.37 8.88
CA ARG A 94 5.98 -1.77 9.13
C ARG A 94 6.53 -2.60 7.98
N LEU A 95 7.01 -3.79 8.32
CA LEU A 95 7.53 -4.70 7.32
C LEU A 95 6.30 -5.44 6.79
N LEU A 96 6.02 -5.29 5.50
CA LEU A 96 4.87 -5.92 4.87
C LEU A 96 5.29 -7.16 4.08
N VAL A 97 4.57 -8.26 4.27
CA VAL A 97 4.84 -9.51 3.56
C VAL A 97 3.56 -9.79 2.79
N THR A 98 3.66 -9.77 1.46
CA THR A 98 2.48 -9.98 0.62
C THR A 98 2.61 -11.12 -0.37
N VAL A 99 1.58 -11.95 -0.47
CA VAL A 99 1.57 -13.06 -1.41
C VAL A 99 0.74 -12.58 -2.60
N TRP A 100 1.32 -12.68 -3.79
CA TRP A 100 0.65 -12.27 -5.02
C TRP A 100 0.45 -13.47 -5.94
N ASN A 101 -0.60 -13.41 -6.75
CA ASN A 101 -0.94 -14.45 -7.72
C ASN A 101 -0.51 -13.82 -9.06
N ARG A 102 0.61 -14.27 -9.61
CA ARG A 102 1.17 -13.71 -10.85
C ARG A 102 0.31 -13.81 -12.11
N ALA A 103 0.29 -12.73 -12.87
CA ALA A 103 -0.43 -12.67 -14.14
C ALA A 103 0.63 -12.29 -15.18
N SER A 104 0.34 -12.58 -16.45
CA SER A 104 1.26 -12.28 -17.53
C SER A 104 1.67 -10.82 -17.52
N GLN A 105 0.76 -9.94 -17.14
CA GLN A 105 1.07 -8.52 -17.05
C GLN A 105 0.91 -8.17 -15.57
N SER A 106 1.94 -7.57 -14.97
CA SER A 106 1.92 -7.23 -13.55
C SER A 106 0.63 -6.61 -13.02
N ARG A 107 0.08 -5.64 -13.75
CA ARG A 107 -1.13 -4.97 -13.31
C ARG A 107 -2.31 -5.92 -13.10
N GLN A 108 -2.23 -7.11 -13.70
CA GLN A 108 -3.31 -8.10 -13.55
C GLN A 108 -3.07 -9.07 -12.40
N SER A 109 -1.89 -9.01 -11.78
CA SER A 109 -1.60 -9.91 -10.66
C SER A 109 -2.48 -9.56 -9.47
N GLY A 110 -3.13 -10.58 -8.91
CA GLY A 110 -4.02 -10.38 -7.78
C GLY A 110 -3.35 -10.59 -6.44
N LEU A 111 -3.84 -9.89 -5.42
CA LEU A 111 -3.29 -10.05 -4.08
C LEU A 111 -4.02 -11.20 -3.40
N ILE A 112 -3.26 -12.17 -2.91
CA ILE A 112 -3.84 -13.32 -2.23
C ILE A 112 -4.04 -12.98 -0.75
N GLY A 113 -2.98 -12.49 -0.11
CA GLY A 113 -3.07 -12.10 1.29
C GLY A 113 -1.80 -11.45 1.78
N CYS A 114 -1.84 -10.83 2.96
CA CYS A 114 -0.66 -10.18 3.51
C CYS A 114 -0.66 -10.11 5.03
N MSE A 115 0.46 -9.65 5.58
CA MSE A 115 0.62 -9.53 7.03
C MSE A 115 1.74 -8.53 7.22
O MSE A 115 2.48 -8.27 6.29
CB MSE A 115 1.02 -10.87 7.66
CG MSE A 115 2.35 -11.43 7.14
SE MSE A 115 2.82 -13.13 7.93
CE MSE A 115 1.77 -14.24 6.78
N SER A 116 1.88 -7.97 8.41
CA SER A 116 2.91 -6.99 8.64
C SER A 116 3.47 -7.10 10.05
N PHE A 117 4.67 -6.56 10.23
CA PHE A 117 5.34 -6.56 11.52
C PHE A 117 5.93 -5.17 11.74
N GLY A 118 5.75 -4.60 12.93
CA GLY A 118 6.31 -3.30 13.19
C GLY A 118 7.83 -3.40 13.16
N VAL A 119 8.50 -2.46 12.49
CA VAL A 119 9.96 -2.48 12.37
C VAL A 119 10.67 -2.35 13.71
N LYS A 120 10.24 -1.40 14.54
CA LYS A 120 10.85 -1.21 15.84
C LYS A 120 10.74 -2.47 16.69
N SER A 121 9.57 -3.09 16.69
CA SER A 121 9.37 -4.31 17.46
C SER A 121 10.26 -5.45 16.98
N LEU A 122 10.53 -5.49 15.68
CA LEU A 122 11.39 -6.53 15.13
C LEU A 122 12.79 -6.44 15.68
N LEU A 123 13.20 -5.25 16.06
CA LEU A 123 14.53 -5.03 16.60
C LEU A 123 14.62 -5.37 18.07
N THR A 124 13.51 -5.82 18.65
CA THR A 124 13.50 -6.16 20.06
C THR A 124 13.86 -7.63 20.27
N LYS A 127 10.27 -10.16 20.67
CA LYS A 127 9.51 -10.65 19.54
C LYS A 127 10.27 -11.79 18.87
N GLU A 128 9.61 -12.93 18.71
CA GLU A 128 10.23 -14.08 18.06
C GLU A 128 9.36 -14.55 16.90
N ILE A 129 9.71 -14.13 15.69
CA ILE A 129 8.94 -14.51 14.52
C ILE A 129 9.52 -15.77 13.87
N SER A 130 8.82 -16.89 14.05
CA SER A 130 9.26 -18.16 13.49
C SER A 130 8.14 -19.18 13.54
N GLY A 131 7.61 -19.53 12.38
CA GLY A 131 6.53 -20.50 12.34
C GLY A 131 5.50 -20.13 11.30
N TRP A 132 4.30 -20.69 11.46
CA TRP A 132 3.21 -20.44 10.54
C TRP A 132 2.39 -19.21 10.94
N TYR A 133 2.06 -18.38 9.95
CA TYR A 133 1.27 -17.17 10.15
C TYR A 133 0.12 -17.13 9.14
N TYR A 134 -0.97 -16.47 9.49
CA TYR A 134 -2.12 -16.37 8.62
C TYR A 134 -1.98 -15.24 7.59
N LEU A 135 -2.51 -15.47 6.40
CA LEU A 135 -2.48 -14.44 5.36
C LEU A 135 -3.77 -13.67 5.54
N LEU A 136 -3.67 -12.39 5.88
CA LEU A 136 -4.84 -11.57 6.12
C LEU A 136 -5.25 -10.75 4.89
N GLY A 137 -6.36 -10.04 4.99
CA GLY A 137 -6.86 -9.25 3.88
C GLY A 137 -5.98 -8.06 3.53
N GLU A 138 -6.17 -7.53 2.33
CA GLU A 138 -5.42 -6.39 1.81
C GLU A 138 -5.37 -5.16 2.72
N HIS A 139 -6.35 -5.01 3.60
CA HIS A 139 -6.34 -3.88 4.52
C HIS A 139 -5.84 -4.31 5.90
N LEU A 140 -6.48 -5.32 6.48
CA LEU A 140 -6.09 -5.81 7.79
C LEU A 140 -4.61 -6.22 7.90
N GLY A 141 -4.10 -6.88 6.86
CA GLY A 141 -2.72 -7.34 6.88
C GLY A 141 -1.64 -6.26 6.98
N ARG A 142 -2.00 -5.03 6.64
CA ARG A 142 -1.05 -3.93 6.70
C ARG A 142 -0.99 -3.37 8.12
N THR A 143 -1.83 -3.90 9.00
CA THR A 143 -1.90 -3.42 10.37
C THR A 143 -1.41 -4.38 11.44
N LYS A 144 -1.30 -5.66 11.10
CA LYS A 144 -0.87 -6.62 12.10
C LYS A 144 -0.51 -7.95 11.46
N HIS A 145 -0.27 -8.93 12.32
CA HIS A 145 0.03 -10.29 11.89
C HIS A 145 -0.66 -11.18 12.92
N LEU A 146 -0.91 -12.43 12.53
CA LEU A 146 -1.56 -13.39 13.40
C LEU A 146 -0.92 -14.75 13.17
N LYS A 147 -0.28 -15.28 14.20
CA LYS A 147 0.37 -16.57 14.05
C LYS A 147 -0.66 -17.69 14.12
N VAL A 148 -0.31 -18.83 13.53
CA VAL A 148 -1.18 -19.99 13.54
C VAL A 148 -0.80 -20.69 14.84
N ALA A 149 -1.72 -20.70 15.80
CA ALA A 149 -1.46 -21.31 17.10
C ALA A 149 -0.94 -22.75 17.02
N ARG A 150 0.09 -23.05 17.80
CA ARG A 150 0.67 -24.40 17.81
C ARG A 150 -0.19 -25.29 18.70
N ARG A 151 -0.73 -24.66 19.74
CA ARG A 151 -1.58 -25.32 20.72
C ARG A 151 -0.86 -26.49 21.37
N ARG A 152 0.32 -26.19 21.91
CA ARG A 152 1.16 -27.18 22.56
C ARG A 152 1.65 -28.21 21.54
N VAL B 12 -3.27 10.46 14.46
CA VAL B 12 -3.79 11.51 13.53
C VAL B 12 -4.89 10.98 12.61
N GLN B 13 -6.15 11.26 12.96
CA GLN B 13 -7.31 10.82 12.17
C GLN B 13 -7.58 11.69 10.96
N GLY B 14 -7.58 13.00 11.17
CA GLY B 14 -7.82 13.93 10.08
C GLY B 14 -6.53 14.70 9.86
N ALA B 15 -5.87 14.45 8.73
CA ALA B 15 -4.60 15.10 8.44
C ALA B 15 -4.74 16.30 7.50
N GLY B 16 -5.96 16.79 7.34
CA GLY B 16 -6.18 17.93 6.48
C GLY B 16 -7.24 17.65 5.43
N GLN B 17 -7.47 18.60 4.54
CA GLN B 17 -8.46 18.42 3.49
C GLN B 17 -7.88 18.68 2.10
N LEU B 18 -8.40 17.95 1.12
CA LEU B 18 -7.96 18.08 -0.26
C LEU B 18 -9.18 18.35 -1.14
N ARG B 19 -9.04 19.27 -2.09
CA ARG B 19 -10.13 19.62 -2.98
C ARG B 19 -9.83 18.98 -4.32
N LEU B 20 -10.72 18.13 -4.82
CA LEU B 20 -10.47 17.48 -6.08
C LEU B 20 -11.74 17.19 -6.86
N SER B 21 -11.55 16.75 -8.09
CA SER B 21 -12.64 16.41 -8.96
C SER B 21 -12.26 15.16 -9.73
N ILE B 22 -13.22 14.26 -9.92
CA ILE B 22 -12.99 13.04 -10.66
C ILE B 22 -14.20 12.78 -11.57
N ASP B 23 -13.91 12.57 -12.85
CA ASP B 23 -14.93 12.31 -13.85
C ASP B 23 -14.42 11.18 -14.75
N ALA B 24 -15.33 10.35 -15.23
CA ALA B 24 -14.95 9.25 -16.11
C ALA B 24 -15.42 9.52 -17.53
N GLN B 25 -14.55 9.23 -18.50
CA GLN B 25 -14.89 9.43 -19.89
C GLN B 25 -14.38 8.24 -20.70
N ASP B 26 -15.27 7.29 -21.01
CA ASP B 26 -14.90 6.11 -21.77
C ASP B 26 -13.68 5.39 -21.18
N ARG B 27 -13.85 4.88 -19.97
CA ARG B 27 -12.79 4.16 -19.26
C ARG B 27 -11.48 4.95 -19.11
N VAL B 28 -11.63 6.26 -19.00
CA VAL B 28 -10.48 7.14 -18.79
C VAL B 28 -10.85 8.09 -17.65
N LEU B 29 -10.14 7.97 -16.53
CA LEU B 29 -10.41 8.81 -15.37
C LEU B 29 -9.74 10.17 -15.48
N LEU B 30 -10.53 11.22 -15.34
CA LEU B 30 -10.01 12.58 -15.39
C LEU B 30 -10.02 13.14 -13.97
N LEU B 31 -8.83 13.27 -13.39
CA LEU B 31 -8.71 13.79 -12.04
C LEU B 31 -8.18 15.21 -12.04
N HIS B 32 -8.77 16.03 -11.19
CA HIS B 32 -8.32 17.42 -11.08
C HIS B 32 -7.95 17.65 -9.62
N ILE B 33 -6.65 17.64 -9.31
CA ILE B 33 -6.23 17.91 -7.93
C ILE B 33 -6.05 19.42 -7.84
N ILE B 34 -7.00 20.06 -7.17
CA ILE B 34 -7.03 21.52 -7.04
C ILE B 34 -6.11 22.12 -5.98
N GLU B 35 -6.43 21.88 -4.71
CA GLU B 35 -5.64 22.42 -3.60
C GLU B 35 -5.81 21.60 -2.33
N GLY B 36 -4.95 21.87 -1.35
CA GLY B 36 -5.02 21.18 -0.07
C GLY B 36 -5.19 22.25 0.99
N LYS B 37 -5.62 21.83 2.18
CA LYS B 37 -5.83 22.77 3.28
C LYS B 37 -5.58 22.12 4.62
N GLY B 38 -4.98 22.91 5.52
CA GLY B 38 -4.71 22.45 6.88
C GLY B 38 -3.91 21.16 7.01
N LEU B 39 -2.97 20.93 6.11
CA LEU B 39 -2.15 19.72 6.15
C LEU B 39 -1.41 19.54 7.46
N ILE B 40 -1.46 18.33 8.00
CA ILE B 40 -0.78 18.01 9.24
C ILE B 40 0.27 16.93 8.99
N SER B 41 1.53 17.25 9.23
CA SER B 41 2.62 16.29 9.04
C SER B 41 3.29 16.06 10.38
N LYS B 42 3.29 14.82 10.85
CA LYS B 42 3.91 14.52 12.15
C LYS B 42 5.42 14.60 12.11
N GLN B 43 5.99 14.72 10.91
CA GLN B 43 7.44 14.82 10.78
C GLN B 43 7.85 16.25 11.13
N PRO B 44 8.96 16.40 11.87
CA PRO B 44 9.44 17.72 12.27
C PRO B 44 10.10 18.45 11.10
N GLY B 45 9.66 19.67 10.84
CA GLY B 45 10.24 20.42 9.75
C GLY B 45 9.21 21.01 8.82
N THR B 46 9.65 21.49 7.66
CA THR B 46 8.74 22.10 6.71
C THR B 46 7.76 21.09 6.12
N CYS B 47 6.63 21.59 5.64
CA CYS B 47 5.63 20.73 5.01
C CYS B 47 5.75 21.01 3.52
N ASP B 48 6.21 20.00 2.79
CA ASP B 48 6.43 20.08 1.34
C ASP B 48 5.65 18.93 0.72
N PRO B 49 4.36 19.13 0.51
CA PRO B 49 3.48 18.12 -0.06
C PRO B 49 3.38 17.99 -1.56
N TYR B 50 3.03 16.77 -1.97
CA TYR B 50 2.76 16.43 -3.34
C TYR B 50 1.71 15.33 -3.24
N VAL B 51 0.96 15.12 -4.32
CA VAL B 51 -0.11 14.14 -4.32
C VAL B 51 0.22 13.04 -5.31
N LYS B 52 0.04 11.80 -4.89
CA LYS B 52 0.34 10.68 -5.76
C LYS B 52 -0.94 9.88 -6.00
N ILE B 53 -1.21 9.55 -7.26
CA ILE B 53 -2.41 8.80 -7.60
C ILE B 53 -2.02 7.42 -8.10
N SER B 54 -2.76 6.40 -7.67
CA SER B 54 -2.45 5.04 -8.10
C SER B 54 -3.67 4.17 -7.87
N LEU B 55 -3.56 2.90 -8.25
CA LEU B 55 -4.64 1.96 -8.04
C LEU B 55 -4.14 0.90 -7.09
N ILE B 56 -5.03 0.37 -6.26
CA ILE B 56 -4.67 -0.69 -5.32
C ILE B 56 -5.76 -1.74 -5.24
N PRO B 57 -5.38 -3.02 -5.06
CA PRO B 57 -3.98 -3.44 -4.94
C PRO B 57 -3.37 -3.67 -6.32
N GLU B 58 -2.09 -3.37 -6.47
CA GLU B 58 -1.42 -3.55 -7.75
C GLU B 58 0.08 -3.57 -7.54
N ASP B 59 0.71 -4.65 -7.97
CA ASP B 59 2.15 -4.79 -7.81
C ASP B 59 2.89 -4.16 -8.99
N SER B 60 2.81 -2.84 -9.11
CA SER B 60 3.47 -2.10 -10.17
C SER B 60 3.26 -0.61 -9.98
N ARG B 61 4.26 0.19 -10.36
CA ARG B 61 4.16 1.64 -10.21
C ARG B 61 4.11 2.35 -11.55
N LEU B 62 4.14 1.58 -12.63
CA LEU B 62 4.11 2.17 -13.96
C LEU B 62 2.92 3.10 -14.16
N ARG B 63 1.80 2.81 -13.50
CA ARG B 63 0.61 3.64 -13.65
C ARG B 63 0.52 4.80 -12.66
N HIS B 64 1.45 4.87 -11.72
CA HIS B 64 1.43 5.95 -10.73
C HIS B 64 1.67 7.33 -11.34
N GLN B 65 1.01 8.35 -10.81
CA GLN B 65 1.17 9.73 -11.29
C GLN B 65 1.18 10.66 -10.08
N LYS B 66 1.92 11.76 -10.20
CA LYS B 66 1.99 12.70 -9.08
C LYS B 66 1.97 14.15 -9.53
N THR B 67 1.71 15.02 -8.58
CA THR B 67 1.69 16.45 -8.83
C THR B 67 3.07 16.99 -8.51
N GLN B 68 3.23 18.29 -8.67
CA GLN B 68 4.48 18.96 -8.33
C GLN B 68 4.52 18.95 -6.81
N THR B 69 5.68 19.22 -6.24
CA THR B 69 5.81 19.31 -4.79
C THR B 69 5.79 20.81 -4.47
N VAL B 70 4.84 21.22 -3.61
CA VAL B 70 4.72 22.64 -3.22
C VAL B 70 5.53 22.83 -1.95
N PRO B 71 6.67 23.52 -2.05
CA PRO B 71 7.52 23.75 -0.88
C PRO B 71 7.01 24.64 0.24
N ASP B 72 7.20 24.16 1.47
CA ASP B 72 6.85 24.89 2.67
C ASP B 72 5.47 25.53 2.66
N CYS B 73 4.43 24.70 2.53
CA CYS B 73 3.05 25.18 2.49
C CYS B 73 2.08 24.14 3.04
N ARG B 74 1.25 24.55 4.00
CA ARG B 74 0.27 23.66 4.61
C ARG B 74 -1.08 23.74 3.90
N ASP B 75 -1.18 24.63 2.92
CA ASP B 75 -2.41 24.79 2.14
C ASP B 75 -2.00 24.98 0.69
N PRO B 76 -1.35 23.96 0.11
CA PRO B 76 -0.87 23.96 -1.27
C PRO B 76 -1.91 24.04 -2.38
N ALA B 77 -1.55 24.81 -3.41
CA ALA B 77 -2.38 24.99 -4.60
C ALA B 77 -1.72 24.17 -5.72
N PHE B 78 -2.31 23.05 -6.09
CA PHE B 78 -1.76 22.19 -7.13
C PHE B 78 -2.27 22.54 -8.52
N HIS B 79 -3.58 22.64 -8.65
CA HIS B 79 -4.20 22.97 -9.93
C HIS B 79 -3.63 22.12 -11.06
N GLU B 80 -3.65 20.81 -10.87
CA GLU B 80 -3.12 19.89 -11.88
C GLU B 80 -4.17 18.86 -12.31
N HIS B 81 -4.21 18.57 -13.61
CA HIS B 81 -5.14 17.61 -14.19
C HIS B 81 -4.42 16.31 -14.54
N PHE B 82 -5.09 15.19 -14.33
CA PHE B 82 -4.51 13.87 -14.60
C PHE B 82 -5.47 13.02 -15.43
N PHE B 83 -4.91 12.13 -16.23
CA PHE B 83 -5.70 11.23 -17.05
C PHE B 83 -5.22 9.83 -16.72
N PHE B 84 -6.05 9.10 -15.99
CA PHE B 84 -5.72 7.76 -15.54
C PHE B 84 -6.61 6.75 -16.24
N PRO B 85 -6.11 6.12 -17.30
CA PRO B 85 -6.90 5.13 -18.02
C PRO B 85 -7.05 3.83 -17.24
N VAL B 86 -8.27 3.30 -17.21
CA VAL B 86 -8.54 2.05 -16.51
C VAL B 86 -9.22 1.07 -17.46
N GLN B 87 -9.13 -0.20 -17.13
CA GLN B 87 -9.73 -1.23 -17.97
C GLN B 87 -10.65 -2.12 -17.12
N GLU B 88 -11.43 -2.96 -17.78
CA GLU B 88 -12.36 -3.87 -17.12
C GLU B 88 -11.72 -4.60 -15.95
N GLU B 89 -10.48 -5.05 -16.13
CA GLU B 89 -9.77 -5.78 -15.09
C GLU B 89 -9.43 -4.96 -13.86
N ASP B 90 -9.68 -3.64 -13.93
CA ASP B 90 -9.39 -2.74 -12.82
C ASP B 90 -10.62 -2.42 -11.98
N ASP B 91 -11.79 -2.86 -12.42
CA ASP B 91 -13.05 -2.58 -11.73
C ASP B 91 -13.07 -2.88 -10.24
N GLN B 92 -12.42 -3.95 -9.81
CA GLN B 92 -12.40 -4.29 -8.39
C GLN B 92 -11.28 -3.61 -7.61
N LYS B 93 -10.52 -2.73 -8.24
CA LYS B 93 -9.45 -2.04 -7.52
C LYS B 93 -9.98 -0.72 -7.02
N ARG B 94 -9.16 0.00 -6.24
CA ARG B 94 -9.58 1.28 -5.73
C ARG B 94 -8.59 2.32 -6.17
N LEU B 95 -9.08 3.52 -6.48
CA LEU B 95 -8.23 4.62 -6.88
C LEU B 95 -7.76 5.26 -5.57
N LEU B 96 -6.46 5.22 -5.32
CA LEU B 96 -5.88 5.80 -4.10
C LEU B 96 -5.27 7.16 -4.37
N VAL B 97 -5.59 8.13 -3.52
CA VAL B 97 -5.07 9.49 -3.64
C VAL B 97 -4.30 9.71 -2.33
N THR B 98 -2.98 9.89 -2.44
CA THR B 98 -2.15 10.05 -1.25
C THR B 98 -1.33 11.33 -1.24
N VAL B 99 -1.31 12.02 -0.11
CA VAL B 99 -0.53 13.23 0.03
C VAL B 99 0.74 12.82 0.79
N TRP B 100 1.89 13.15 0.22
CA TRP B 100 3.18 12.83 0.81
C TRP B 100 3.94 14.11 1.16
N ASN B 101 4.78 14.01 2.18
CA ASN B 101 5.62 15.12 2.64
C ASN B 101 7.02 14.74 2.11
N ARG B 102 7.46 15.41 1.05
CA ARG B 102 8.74 15.09 0.41
C ARG B 102 10.01 15.25 1.26
N ALA B 103 10.91 14.28 1.15
CA ALA B 103 12.19 14.31 1.84
C ALA B 103 13.24 14.21 0.73
N SER B 104 14.47 14.63 1.03
CA SER B 104 15.56 14.60 0.07
C SER B 104 15.74 13.22 -0.54
N GLN B 105 15.49 12.18 0.26
CA GLN B 105 15.59 10.81 -0.23
C GLN B 105 14.17 10.25 -0.10
N SER B 106 13.63 9.74 -1.20
CA SER B 106 12.26 9.20 -1.20
C SER B 106 11.86 8.35 0.00
N ARG B 107 12.72 7.42 0.40
CA ARG B 107 12.40 6.54 1.53
C ARG B 107 12.10 7.30 2.82
N GLN B 108 12.53 8.56 2.90
CA GLN B 108 12.29 9.37 4.09
C GLN B 108 11.00 10.19 3.99
N SER B 109 10.37 10.20 2.83
CA SER B 109 9.15 10.96 2.66
C SER B 109 8.02 10.36 3.51
N GLY B 110 7.35 11.21 4.29
CA GLY B 110 6.29 10.73 5.15
C GLY B 110 4.91 10.85 4.53
N LEU B 111 4.01 9.96 4.94
CA LEU B 111 2.65 10.01 4.43
C LEU B 111 1.84 10.95 5.30
N ILE B 112 1.20 11.95 4.69
CA ILE B 112 0.39 12.91 5.42
C ILE B 112 -1.01 12.35 5.60
N GLY B 113 -1.61 11.91 4.49
CA GLY B 113 -2.95 11.34 4.54
C GLY B 113 -3.37 10.77 3.20
N CYS B 114 -4.47 10.01 3.18
CA CYS B 114 -4.94 9.45 1.91
C CYS B 114 -6.45 9.17 1.93
N MSE B 115 -6.98 8.80 0.76
CA MSE B 115 -8.40 8.49 0.61
C MSE B 115 -8.47 7.63 -0.63
O MSE B 115 -7.52 7.59 -1.41
CB MSE B 115 -9.22 9.76 0.39
CG MSE B 115 -8.81 10.56 -0.84
SE MSE B 115 -9.89 12.15 -1.03
CE MSE B 115 -8.81 13.33 0.06
N SER B 116 -9.58 6.94 -0.83
CA SER B 116 -9.71 6.09 -2.00
C SER B 116 -11.13 6.07 -2.52
N PHE B 117 -11.27 5.67 -3.78
CA PHE B 117 -12.57 5.60 -4.44
C PHE B 117 -12.62 4.27 -5.20
N GLY B 118 -13.72 3.54 -5.09
CA GLY B 118 -13.83 2.29 -5.82
C GLY B 118 -13.84 2.59 -7.30
N VAL B 119 -13.07 1.84 -8.09
CA VAL B 119 -13.00 2.06 -9.53
C VAL B 119 -14.34 1.85 -10.25
N LYS B 120 -15.02 0.75 -9.93
CA LYS B 120 -16.30 0.46 -10.57
C LYS B 120 -17.30 1.58 -10.29
N SER B 121 -17.34 2.04 -9.04
CA SER B 121 -18.26 3.10 -8.68
C SER B 121 -17.97 4.41 -9.44
N LEU B 122 -16.70 4.63 -9.80
CA LEU B 122 -16.33 5.85 -10.54
C LEU B 122 -16.76 5.82 -11.99
N LEU B 123 -17.07 4.63 -12.50
CA LEU B 123 -17.48 4.49 -13.88
C LEU B 123 -18.99 4.57 -14.03
N THR B 124 -19.71 4.65 -12.91
CA THR B 124 -21.17 4.74 -12.95
C THR B 124 -21.65 6.16 -12.70
N GLU B 128 -19.81 11.00 -10.28
CA GLU B 128 -18.95 12.16 -10.45
C GLU B 128 -18.60 12.70 -9.06
N ILE B 129 -17.33 12.98 -8.83
CA ILE B 129 -16.84 13.49 -7.55
C ILE B 129 -16.31 14.90 -7.67
N SER B 130 -16.61 15.74 -6.68
CA SER B 130 -16.14 17.13 -6.69
C SER B 130 -16.35 17.89 -5.39
N GLY B 131 -15.26 18.42 -4.85
CA GLY B 131 -15.36 19.18 -3.63
C GLY B 131 -14.22 18.86 -2.68
N TRP B 132 -14.40 19.24 -1.41
CA TRP B 132 -13.40 18.98 -0.39
C TRP B 132 -13.61 17.63 0.26
N TYR B 133 -12.50 16.91 0.45
CA TYR B 133 -12.51 15.60 1.09
C TYR B 133 -11.46 15.55 2.20
N TYR B 134 -11.68 14.71 3.21
CA TYR B 134 -10.74 14.58 4.32
C TYR B 134 -9.59 13.64 4.00
N LEU B 135 -8.41 13.96 4.52
CA LEU B 135 -7.25 13.10 4.35
C LEU B 135 -7.27 12.16 5.53
N LEU B 136 -7.45 10.87 5.26
CA LEU B 136 -7.53 9.87 6.32
C LEU B 136 -6.18 9.20 6.58
N GLY B 137 -6.13 8.33 7.59
CA GLY B 137 -4.90 7.65 7.95
C GLY B 137 -4.43 6.63 6.91
N GLU B 138 -3.16 6.25 7.01
CA GLU B 138 -2.53 5.30 6.09
C GLU B 138 -3.28 3.97 5.91
N HIS B 139 -4.09 3.59 6.88
CA HIS B 139 -4.85 2.34 6.76
C HIS B 139 -6.28 2.65 6.34
N LEU B 140 -6.97 3.48 7.12
CA LEU B 140 -8.35 3.84 6.83
C LEU B 140 -8.56 4.40 5.43
N GLY B 141 -7.65 5.27 5.00
CA GLY B 141 -7.77 5.88 3.68
C GLY B 141 -7.78 4.94 2.48
N ARG B 142 -7.28 3.73 2.65
CA ARG B 142 -7.23 2.75 1.57
C ARG B 142 -8.56 2.03 1.47
N THR B 143 -9.48 2.32 2.40
CA THR B 143 -10.76 1.65 2.42
C THR B 143 -11.97 2.50 2.09
N LYS B 144 -11.81 3.82 2.13
CA LYS B 144 -12.94 4.70 1.87
C LYS B 144 -12.50 6.12 1.66
N HIS B 145 -13.48 7.01 1.57
CA HIS B 145 -13.26 8.44 1.46
C HIS B 145 -14.35 9.08 2.28
N LEU B 146 -14.12 10.32 2.69
CA LEU B 146 -15.09 11.08 3.48
C LEU B 146 -15.07 12.52 3.00
N LYS B 147 -16.19 12.98 2.47
CA LYS B 147 -16.24 14.34 2.00
C LYS B 147 -16.41 15.31 3.16
N VAL B 148 -15.99 16.55 2.94
CA VAL B 148 -16.13 17.58 3.96
C VAL B 148 -17.53 18.13 3.71
N ALA B 149 -18.44 17.92 4.67
CA ALA B 149 -19.81 18.38 4.52
C ALA B 149 -19.92 19.86 4.18
N ARG B 150 -20.80 20.18 3.22
CA ARG B 150 -21.02 21.56 2.81
C ARG B 150 -21.97 22.24 3.80
N ARG B 151 -22.91 21.47 4.34
CA ARG B 151 -23.88 22.00 5.29
C ARG B 151 -24.55 23.26 4.72
N ARG B 152 -24.78 23.30 3.42
CA ARG B 152 -25.43 24.46 2.81
C ARG B 152 -26.94 24.26 2.81
S SO4 C . 3.34 -5.67 15.29
O1 SO4 C . 2.56 -6.13 14.13
O2 SO4 C . 3.27 -4.20 15.38
O3 SO4 C . 4.74 -6.10 15.14
O4 SO4 C . 2.78 -6.26 16.52
S SO4 D . -16.32 3.87 -2.59
O1 SO4 D . -15.27 4.37 -1.66
O2 SO4 D . -16.19 2.41 -2.70
O3 SO4 D . -16.15 4.50 -3.91
O4 SO4 D . -17.65 4.21 -2.07
#